data_5LX9
#
_entry.id   5LX9
#
_cell.length_a   74.578
_cell.length_b   101.128
_cell.length_c   111.577
_cell.angle_alpha   90.00
_cell.angle_beta   90.00
_cell.angle_gamma   90.00
#
_symmetry.space_group_name_H-M   'P 21 2 21'
#
loop_
_entity.id
_entity.type
_entity.pdbx_description
1 polymer 'HUMAN ADIPONECTIN RECEPTOR 2'
2 polymer 'single-chain variable fragment'
3 non-polymer 'ZINC ION'
4 non-polymer 'OLEIC ACID'
5 non-polymer '(2S)-2,3-dihydroxypropyl (9Z)-octadec-9-enoate'
6 water water
#
loop_
_entity_poly.entity_id
_entity_poly.type
_entity_poly.pdbx_seq_one_letter_code
_entity_poly.pdbx_strand_id
1 'polypeptide(L)'
;MDYKDDDDKENLYFQGGSEFEGRWRVIPHDVLPDWLKDNDFLLHGHRPPMPSFRACFKSIFRIHTETGNIWTHLLGCVFF
LCLGIFYMFRPNISFVAPLQEKVVFGLFFLGAILCLSFSWLFHTVYCHSEGVSRLFSKLDYSGIALLIMGSFVPWLYYSF
YCNPQPCFIYLIVICVLGIAAIIVSQWDMFATPQYRGVRAGVFLGLGLSGIIPTLHYVISEGFLKAATIGQIGWLMLMAS
LYITGAALYAARIPERFFPGKCDIWFHSHQLFHIFVVAGAFVHFHGVSNLQEFRFMIGGGCSEEDAL
;
A
2 'polypeptide(L)'
;EVLLQQSGPELVKPGASVRITCKASGYTFTDFNMDWVKQSPGKSLEWIGDFNPNSGGSIYNQKFKDKATFTVDKSSSTAY
MELRSLTFEDTAVYYCARETGTAWFAYWGQGTLVTVSAAGGGGSGGGGSGGGGSGGGGSDIQMTQSPASLSASVGETVTI
TCRASGNIHNFLAWYQQKQGKSPQVLVYNAKTLADGVPSRFSGSGSGTQYSLKINSLQPEDFGSYYCQQFWSTPYTFGGG
TKLEINAAADDDDKAGWSHPQFEKGGGSGGGSGGGSWSHPQFEK
;
H
#
# COMPACT_ATOMS: atom_id res chain seq x y z
N GLU A 19 10.41 -10.56 -12.71
CA GLU A 19 10.47 -9.41 -13.61
C GLU A 19 11.41 -8.32 -13.09
N PHE A 20 11.93 -7.47 -14.02
CA PHE A 20 12.84 -6.35 -13.75
C PHE A 20 12.13 -5.00 -13.85
N GLU A 21 10.81 -5.03 -13.80
CA GLU A 21 9.95 -3.86 -13.83
C GLU A 21 9.24 -3.75 -12.49
N GLY A 22 9.21 -2.54 -11.93
CA GLY A 22 8.58 -2.25 -10.66
C GLY A 22 9.09 -3.10 -9.53
N ARG A 23 10.43 -3.18 -9.40
CA ARG A 23 11.09 -3.97 -8.36
C ARG A 23 10.93 -3.30 -7.01
N TRP A 24 10.69 -4.10 -5.97
CA TRP A 24 10.53 -3.59 -4.62
C TRP A 24 10.86 -4.63 -3.60
N ARG A 25 11.23 -4.18 -2.39
CA ARG A 25 11.48 -5.04 -1.25
C ARG A 25 10.59 -4.53 -0.12
N VAL A 26 10.13 -5.45 0.74
CA VAL A 26 9.36 -5.12 1.95
C VAL A 26 10.22 -4.14 2.80
N ILE A 27 9.59 -3.30 3.64
CA ILE A 27 10.32 -2.36 4.48
C ILE A 27 9.88 -2.42 5.94
N PRO A 28 10.76 -2.09 6.91
CA PRO A 28 10.32 -2.04 8.32
C PRO A 28 9.28 -0.94 8.57
N HIS A 29 8.47 -1.10 9.64
CA HIS A 29 7.39 -0.15 9.97
C HIS A 29 7.85 1.33 10.16
N ASP A 30 9.08 1.54 10.66
CA ASP A 30 9.62 2.86 10.98
C ASP A 30 9.86 3.75 9.77
N VAL A 31 10.14 3.18 8.58
CA VAL A 31 10.40 3.99 7.38
C VAL A 31 9.12 4.25 6.55
N LEU A 32 7.96 3.83 7.06
CA LEU A 32 6.70 4.03 6.34
C LEU A 32 6.27 5.49 6.41
N PRO A 33 5.62 6.04 5.35
CA PRO A 33 5.04 7.38 5.50
C PRO A 33 3.82 7.28 6.44
N ASP A 34 3.33 8.42 6.98
CA ASP A 34 2.21 8.47 7.92
C ASP A 34 0.94 7.74 7.52
N TRP A 35 0.47 7.92 6.27
CA TRP A 35 -0.77 7.32 5.76
C TRP A 35 -0.70 5.79 5.65
N LEU A 36 0.50 5.19 5.82
CA LEU A 36 0.65 3.74 5.75
C LEU A 36 0.86 3.09 7.14
N LYS A 37 1.04 3.91 8.18
CA LYS A 37 1.27 3.49 9.58
C LYS A 37 -0.05 3.13 10.30
N ASP A 38 -0.70 2.04 9.90
CA ASP A 38 -1.95 1.60 10.51
C ASP A 38 -1.76 0.84 11.83
N ASN A 39 -0.89 -0.18 11.84
CA ASN A 39 -0.62 -1.05 12.99
C ASN A 39 0.86 -1.20 13.26
N ASP A 40 1.34 -0.47 14.28
CA ASP A 40 2.74 -0.47 14.69
C ASP A 40 3.16 -1.76 15.44
N PHE A 41 2.30 -2.79 15.50
CA PHE A 41 2.68 -4.09 16.07
C PHE A 41 3.14 -5.01 14.96
N LEU A 42 3.00 -4.54 13.68
CA LEU A 42 3.43 -5.21 12.44
C LEU A 42 4.71 -4.47 12.08
N LEU A 43 5.83 -5.06 12.51
CA LEU A 43 7.17 -4.43 12.48
C LEU A 43 7.91 -4.48 11.17
N HIS A 44 7.64 -5.50 10.36
CA HIS A 44 8.34 -5.68 9.09
C HIS A 44 7.39 -6.27 8.04
N GLY A 45 7.88 -6.42 6.82
CA GLY A 45 7.12 -6.99 5.73
C GLY A 45 6.15 -6.07 5.04
N HIS A 46 6.24 -4.77 5.28
CA HIS A 46 5.34 -3.81 4.65
C HIS A 46 5.68 -3.51 3.20
N ARG A 47 4.67 -3.34 2.34
CA ARG A 47 4.94 -2.93 0.96
C ARG A 47 5.32 -1.43 1.04
N PRO A 48 6.34 -0.98 0.30
CA PRO A 48 6.66 0.47 0.32
C PRO A 48 5.63 1.28 -0.49
N PRO A 49 5.48 2.62 -0.29
CA PRO A 49 4.56 3.40 -1.16
C PRO A 49 4.93 3.29 -2.65
N MET A 50 3.98 2.88 -3.53
CA MET A 50 4.21 2.58 -4.96
C MET A 50 3.09 3.11 -5.83
N PRO A 51 3.31 4.28 -6.48
CA PRO A 51 2.24 4.91 -7.26
C PRO A 51 1.98 4.29 -8.62
N SER A 52 1.85 2.97 -8.64
CA SER A 52 1.58 2.20 -9.85
C SER A 52 0.54 1.13 -9.51
N PHE A 53 -0.60 1.15 -10.23
CA PHE A 53 -1.65 0.14 -10.08
C PHE A 53 -1.17 -1.21 -10.56
N ARG A 54 -0.30 -1.21 -11.60
CA ARG A 54 0.38 -2.38 -12.14
C ARG A 54 1.20 -3.05 -11.01
N ALA A 55 2.06 -2.31 -10.27
CA ALA A 55 2.86 -2.85 -9.14
C ALA A 55 1.94 -3.37 -8.03
N CYS A 56 0.95 -2.56 -7.61
CA CYS A 56 -0.06 -2.91 -6.60
C CYS A 56 -0.76 -4.26 -6.92
N PHE A 57 -1.32 -4.42 -8.14
CA PHE A 57 -2.01 -5.69 -8.45
C PHE A 57 -1.03 -6.87 -8.65
N LYS A 58 0.22 -6.60 -9.03
CA LYS A 58 1.25 -7.63 -9.16
C LYS A 58 1.62 -8.21 -7.78
N SER A 59 1.60 -7.35 -6.72
CA SER A 59 1.94 -7.69 -5.33
C SER A 59 0.98 -8.69 -4.66
N ILE A 60 -0.19 -8.97 -5.26
CA ILE A 60 -1.17 -9.96 -4.78
C ILE A 60 -0.47 -11.35 -4.76
N PHE A 61 0.51 -11.54 -5.67
CA PHE A 61 1.29 -12.77 -5.75
C PHE A 61 2.62 -12.66 -4.98
N ARG A 62 2.73 -11.64 -4.11
CA ARG A 62 3.92 -11.44 -3.27
C ARG A 62 3.57 -11.59 -1.78
N ILE A 63 4.59 -11.86 -0.94
CA ILE A 63 4.47 -12.03 0.50
C ILE A 63 4.81 -10.73 1.22
N HIS A 64 3.82 -10.19 1.92
CA HIS A 64 3.89 -8.93 2.66
C HIS A 64 2.74 -8.92 3.66
N THR A 65 2.64 -7.85 4.48
CA THR A 65 1.62 -7.67 5.53
C THR A 65 0.19 -7.67 5.00
N GLU A 66 -0.03 -7.47 3.70
CA GLU A 66 -1.39 -7.41 3.16
C GLU A 66 -1.85 -8.67 2.40
N THR A 67 -0.95 -9.65 2.13
CA THR A 67 -1.22 -10.90 1.38
C THR A 67 -2.48 -11.63 1.84
N GLY A 68 -2.55 -11.94 3.13
CA GLY A 68 -3.69 -12.65 3.71
C GLY A 68 -4.99 -11.88 3.65
N ASN A 69 -4.94 -10.53 3.82
CA ASN A 69 -6.10 -9.63 3.79
C ASN A 69 -6.72 -9.59 2.42
N ILE A 70 -5.87 -9.55 1.40
CA ILE A 70 -6.26 -9.55 0.00
C ILE A 70 -6.96 -10.87 -0.35
N TRP A 71 -6.26 -12.01 -0.17
CA TRP A 71 -6.74 -13.33 -0.57
C TRP A 71 -7.97 -13.84 0.17
N THR A 72 -8.14 -13.54 1.45
CA THR A 72 -9.33 -13.98 2.20
C THR A 72 -10.59 -13.29 1.62
N HIS A 73 -10.49 -12.01 1.24
CA HIS A 73 -11.65 -11.32 0.70
C HIS A 73 -11.72 -11.37 -0.81
N LEU A 74 -10.62 -11.74 -1.51
CA LEU A 74 -10.62 -11.97 -2.95
C LEU A 74 -11.36 -13.32 -3.16
N LEU A 75 -10.97 -14.39 -2.41
CA LEU A 75 -11.63 -15.70 -2.48
C LEU A 75 -13.08 -15.66 -1.95
N GLY A 76 -13.31 -14.89 -0.87
CA GLY A 76 -14.64 -14.73 -0.28
C GLY A 76 -15.60 -14.05 -1.25
N CYS A 77 -15.12 -13.06 -1.99
CA CYS A 77 -15.84 -12.30 -3.01
C CYS A 77 -16.36 -13.20 -4.14
N VAL A 78 -15.46 -14.01 -4.76
CA VAL A 78 -15.83 -14.93 -5.84
C VAL A 78 -16.80 -16.01 -5.33
N PHE A 79 -16.58 -16.48 -4.09
CA PHE A 79 -17.42 -17.49 -3.44
C PHE A 79 -18.86 -17.02 -3.31
N PHE A 80 -19.07 -15.80 -2.83
CA PHE A 80 -20.41 -15.22 -2.68
C PHE A 80 -21.07 -14.89 -4.01
N LEU A 81 -20.24 -14.61 -5.03
CA LEU A 81 -20.68 -14.34 -6.39
C LEU A 81 -21.15 -15.64 -7.04
N CYS A 82 -20.49 -16.79 -6.73
CA CYS A 82 -20.91 -18.10 -7.22
C CYS A 82 -22.15 -18.56 -6.46
N LEU A 83 -22.25 -18.24 -5.16
CA LEU A 83 -23.41 -18.56 -4.31
C LEU A 83 -24.64 -17.78 -4.73
N GLY A 84 -24.43 -16.51 -5.09
CA GLY A 84 -25.46 -15.58 -5.51
C GLY A 84 -26.04 -15.91 -6.88
N ILE A 85 -25.18 -16.31 -7.84
CA ILE A 85 -25.59 -16.70 -9.19
C ILE A 85 -26.40 -18.00 -9.11
N PHE A 86 -25.90 -19.00 -8.35
CA PHE A 86 -26.54 -20.30 -8.19
C PHE A 86 -27.89 -20.22 -7.50
N TYR A 87 -28.03 -19.29 -6.54
CA TYR A 87 -29.26 -19.05 -5.79
C TYR A 87 -30.32 -18.47 -6.71
N MET A 88 -29.90 -17.55 -7.57
CA MET A 88 -30.73 -16.88 -8.56
C MET A 88 -31.39 -17.88 -9.56
N PHE A 89 -30.70 -19.00 -9.88
CA PHE A 89 -31.16 -20.02 -10.81
C PHE A 89 -31.81 -21.24 -10.15
N ARG A 90 -32.11 -21.16 -8.84
CA ARG A 90 -32.79 -22.25 -8.12
C ARG A 90 -34.22 -22.38 -8.68
N PRO A 91 -34.84 -23.60 -8.66
CA PRO A 91 -36.21 -23.75 -9.17
C PRO A 91 -37.21 -22.86 -8.46
N ASN A 92 -38.09 -22.23 -9.23
CA ASN A 92 -39.13 -21.35 -8.74
C ASN A 92 -40.17 -22.07 -7.88
N ILE A 93 -40.31 -23.40 -8.03
CA ILE A 93 -41.24 -24.21 -7.23
C ILE A 93 -40.86 -24.26 -5.75
N SER A 94 -39.54 -24.20 -5.46
CA SER A 94 -38.92 -24.25 -4.14
C SER A 94 -39.28 -23.09 -3.21
N PHE A 95 -39.82 -22.01 -3.75
CA PHE A 95 -40.17 -20.83 -2.97
C PHE A 95 -41.69 -20.62 -2.94
N VAL A 96 -42.18 -19.94 -1.91
CA VAL A 96 -43.58 -19.56 -1.80
C VAL A 96 -43.81 -18.43 -2.85
N ALA A 97 -42.92 -17.43 -2.88
CA ALA A 97 -42.97 -16.30 -3.80
C ALA A 97 -41.54 -16.06 -4.38
N PRO A 98 -41.12 -16.80 -5.45
CA PRO A 98 -39.72 -16.71 -5.91
C PRO A 98 -39.21 -15.34 -6.35
N LEU A 99 -40.03 -14.52 -7.02
CA LEU A 99 -39.54 -13.22 -7.43
C LEU A 99 -39.14 -12.35 -6.22
N GLN A 100 -40.04 -12.25 -5.23
CA GLN A 100 -39.84 -11.47 -4.01
C GLN A 100 -38.68 -12.02 -3.17
N GLU A 101 -38.66 -13.35 -2.98
CA GLU A 101 -37.62 -14.04 -2.20
C GLU A 101 -36.23 -13.90 -2.82
N LYS A 102 -36.14 -13.97 -4.15
CA LYS A 102 -34.86 -13.81 -4.86
C LYS A 102 -34.40 -12.37 -4.78
N VAL A 103 -35.33 -11.40 -4.74
CA VAL A 103 -34.99 -9.98 -4.59
C VAL A 103 -34.38 -9.71 -3.21
N VAL A 104 -34.97 -10.27 -2.14
CA VAL A 104 -34.46 -10.06 -0.77
C VAL A 104 -33.06 -10.68 -0.57
N PHE A 105 -32.86 -11.92 -1.05
CA PHE A 105 -31.58 -12.62 -1.02
C PHE A 105 -30.58 -11.91 -1.92
N GLY A 106 -31.06 -11.40 -3.06
CA GLY A 106 -30.25 -10.67 -4.03
C GLY A 106 -29.63 -9.46 -3.38
N LEU A 107 -30.39 -8.76 -2.53
CA LEU A 107 -29.93 -7.58 -1.79
C LEU A 107 -28.87 -7.95 -0.76
N PHE A 108 -29.00 -9.14 -0.15
CA PHE A 108 -28.01 -9.63 0.80
C PHE A 108 -26.71 -9.97 0.07
N PHE A 109 -26.77 -10.78 -0.99
CA PHE A 109 -25.62 -11.15 -1.83
C PHE A 109 -24.91 -9.92 -2.40
N LEU A 110 -25.70 -8.94 -2.87
CA LEU A 110 -25.16 -7.69 -3.37
C LEU A 110 -24.35 -6.97 -2.28
N GLY A 111 -24.90 -6.89 -1.07
CA GLY A 111 -24.23 -6.27 0.06
C GLY A 111 -22.95 -6.97 0.44
N ALA A 112 -22.92 -8.31 0.38
CA ALA A 112 -21.77 -9.14 0.71
C ALA A 112 -20.69 -8.99 -0.36
N ILE A 113 -21.07 -9.03 -1.63
CA ILE A 113 -20.14 -8.90 -2.76
C ILE A 113 -19.52 -7.50 -2.82
N LEU A 114 -20.31 -6.43 -2.65
CA LEU A 114 -19.74 -5.08 -2.67
C LEU A 114 -18.74 -4.88 -1.54
N CYS A 115 -19.08 -5.38 -0.33
CA CYS A 115 -18.24 -5.33 0.86
C CYS A 115 -16.92 -6.05 0.61
N LEU A 116 -16.97 -7.32 0.18
CA LEU A 116 -15.77 -8.11 -0.07
C LEU A 116 -14.93 -7.55 -1.20
N SER A 117 -15.57 -7.03 -2.27
CA SER A 117 -14.88 -6.45 -3.43
C SER A 117 -14.16 -5.18 -3.04
N PHE A 118 -14.83 -4.26 -2.34
CA PHE A 118 -14.18 -3.01 -1.88
C PHE A 118 -13.02 -3.31 -0.98
N SER A 119 -13.16 -4.32 -0.11
CA SER A 119 -12.16 -4.76 0.85
C SER A 119 -10.90 -5.27 0.19
N TRP A 120 -11.00 -6.28 -0.69
CA TRP A 120 -9.81 -6.82 -1.36
C TRP A 120 -9.13 -5.80 -2.28
N LEU A 121 -9.91 -4.88 -2.93
CA LEU A 121 -9.34 -3.84 -3.80
C LEU A 121 -8.60 -2.83 -2.98
N PHE A 122 -9.19 -2.38 -1.86
CA PHE A 122 -8.57 -1.39 -0.99
C PHE A 122 -7.24 -1.93 -0.46
N HIS A 123 -7.24 -3.17 0.05
CA HIS A 123 -6.03 -3.81 0.59
C HIS A 123 -4.92 -3.96 -0.44
N THR A 124 -5.30 -4.15 -1.74
CA THR A 124 -4.38 -4.26 -2.88
C THR A 124 -3.74 -2.90 -3.21
N VAL A 125 -4.55 -1.85 -3.30
CA VAL A 125 -4.08 -0.51 -3.70
C VAL A 125 -3.76 0.43 -2.51
N TYR A 126 -3.79 -0.09 -1.30
CA TYR A 126 -3.51 0.64 -0.06
C TYR A 126 -2.16 1.41 -0.11
N CYS A 127 -1.09 0.77 -0.63
CA CYS A 127 0.26 1.29 -0.72
C CYS A 127 0.49 2.22 -1.92
N HIS A 128 -0.52 2.42 -2.80
CA HIS A 128 -0.36 3.26 -4.01
C HIS A 128 0.10 4.70 -3.69
N SER A 129 -0.76 5.50 -3.04
CA SER A 129 -0.52 6.91 -2.67
C SER A 129 -1.55 7.30 -1.62
N GLU A 130 -1.35 8.45 -0.94
CA GLU A 130 -2.22 8.96 0.12
C GLU A 130 -3.68 9.21 -0.36
N GLY A 131 -3.83 9.74 -1.57
CA GLY A 131 -5.13 10.01 -2.18
C GLY A 131 -5.93 8.79 -2.59
N VAL A 132 -5.24 7.78 -3.16
CA VAL A 132 -5.86 6.51 -3.59
C VAL A 132 -6.30 5.71 -2.34
N SER A 133 -5.41 5.64 -1.35
CA SER A 133 -5.61 4.99 -0.06
C SER A 133 -6.81 5.60 0.68
N ARG A 134 -6.93 6.93 0.66
CA ARG A 134 -8.03 7.68 1.28
C ARG A 134 -9.37 7.38 0.59
N LEU A 135 -9.41 7.33 -0.75
CA LEU A 135 -10.62 7.01 -1.53
C LEU A 135 -11.09 5.58 -1.26
N PHE A 136 -10.20 4.60 -1.39
CA PHE A 136 -10.54 3.19 -1.17
C PHE A 136 -10.79 2.81 0.31
N SER A 137 -10.30 3.59 1.30
CA SER A 137 -10.59 3.25 2.70
C SER A 137 -12.04 3.60 3.02
N LYS A 138 -12.55 4.69 2.40
CA LYS A 138 -13.94 5.16 2.51
C LYS A 138 -14.87 4.14 1.84
N LEU A 139 -14.44 3.52 0.73
CA LEU A 139 -15.24 2.50 0.05
C LEU A 139 -15.26 1.26 0.94
N ASP A 140 -14.09 0.91 1.51
CA ASP A 140 -13.91 -0.24 2.41
C ASP A 140 -14.88 -0.14 3.60
N TYR A 141 -14.92 1.03 4.29
CA TYR A 141 -15.78 1.28 5.44
C TYR A 141 -17.25 1.20 5.05
N SER A 142 -17.63 1.85 3.92
CA SER A 142 -18.99 1.91 3.38
C SER A 142 -19.55 0.55 3.06
N GLY A 143 -18.67 -0.36 2.65
CA GLY A 143 -19.02 -1.73 2.30
C GLY A 143 -19.49 -2.55 3.47
N ILE A 144 -18.90 -2.34 4.67
CA ILE A 144 -19.26 -3.05 5.90
C ILE A 144 -20.72 -2.75 6.21
N ALA A 145 -21.10 -1.45 6.16
CA ALA A 145 -22.45 -0.98 6.37
C ALA A 145 -23.41 -1.61 5.37
N LEU A 146 -23.00 -1.72 4.07
CA LEU A 146 -23.80 -2.32 3.01
C LEU A 146 -24.05 -3.79 3.27
N LEU A 147 -23.01 -4.53 3.73
CA LEU A 147 -23.11 -5.95 4.11
C LEU A 147 -24.10 -6.08 5.29
N ILE A 148 -24.06 -5.16 6.26
CA ILE A 148 -24.95 -5.19 7.43
C ILE A 148 -26.40 -4.85 7.02
N MET A 149 -26.61 -3.75 6.24
CA MET A 149 -27.94 -3.32 5.76
C MET A 149 -28.60 -4.41 4.93
N GLY A 150 -27.84 -4.97 3.98
CA GLY A 150 -28.31 -6.04 3.13
C GLY A 150 -28.67 -7.33 3.84
N SER A 151 -27.97 -7.67 4.92
CA SER A 151 -28.23 -8.92 5.67
C SER A 151 -29.55 -8.88 6.48
N PHE A 152 -30.01 -7.67 6.84
CA PHE A 152 -31.26 -7.48 7.57
C PHE A 152 -32.48 -7.71 6.68
N VAL A 153 -32.36 -7.42 5.36
CA VAL A 153 -33.46 -7.52 4.41
C VAL A 153 -34.07 -8.94 4.39
N PRO A 154 -33.38 -10.05 4.01
CA PRO A 154 -34.04 -11.37 4.06
C PRO A 154 -34.51 -11.76 5.47
N TRP A 155 -33.75 -11.34 6.49
CA TRP A 155 -34.05 -11.66 7.87
C TRP A 155 -35.35 -11.00 8.40
N LEU A 156 -35.56 -9.70 8.18
CA LEU A 156 -36.77 -9.00 8.56
C LEU A 156 -37.97 -9.54 7.74
N TYR A 157 -37.72 -9.92 6.45
CA TYR A 157 -38.71 -10.47 5.53
C TYR A 157 -39.35 -11.74 6.10
N TYR A 158 -38.55 -12.73 6.50
CA TYR A 158 -39.11 -13.96 7.05
C TYR A 158 -39.57 -13.83 8.48
N SER A 159 -38.89 -13.00 9.29
CA SER A 159 -39.23 -12.80 10.71
C SER A 159 -40.54 -12.03 10.90
N PHE A 160 -40.80 -11.04 10.04
CA PHE A 160 -42.03 -10.24 10.10
C PHE A 160 -42.92 -10.51 8.88
N TYR A 161 -42.93 -11.80 8.44
CA TYR A 161 -43.68 -12.29 7.29
C TYR A 161 -45.17 -11.98 7.35
N CYS A 162 -45.76 -12.11 8.54
CA CYS A 162 -47.18 -11.88 8.75
C CYS A 162 -47.49 -10.50 9.35
N ASN A 163 -46.45 -9.78 9.80
CA ASN A 163 -46.56 -8.46 10.43
C ASN A 163 -45.85 -7.40 9.55
N PRO A 164 -46.59 -6.78 8.59
CA PRO A 164 -45.94 -5.83 7.66
C PRO A 164 -45.50 -4.49 8.24
N GLN A 165 -46.25 -3.90 9.19
CA GLN A 165 -45.90 -2.60 9.79
C GLN A 165 -44.52 -2.62 10.50
N PRO A 166 -44.17 -3.60 11.39
CA PRO A 166 -42.81 -3.59 11.97
C PRO A 166 -41.73 -3.87 10.92
N CYS A 167 -41.97 -4.82 9.96
CA CYS A 167 -41.04 -5.16 8.87
C CYS A 167 -40.58 -3.91 8.10
N PHE A 168 -41.55 -3.07 7.73
CA PHE A 168 -41.37 -1.81 7.02
C PHE A 168 -40.59 -0.80 7.88
N ILE A 169 -40.97 -0.64 9.16
CA ILE A 169 -40.33 0.30 10.10
C ILE A 169 -38.85 -0.05 10.32
N TYR A 170 -38.55 -1.32 10.62
CA TYR A 170 -37.20 -1.81 10.87
C TYR A 170 -36.30 -1.73 9.63
N LEU A 171 -36.89 -1.75 8.43
CA LEU A 171 -36.13 -1.59 7.19
C LEU A 171 -35.69 -0.15 7.06
N ILE A 172 -36.59 0.81 7.41
CA ILE A 172 -36.26 2.24 7.40
C ILE A 172 -35.13 2.51 8.42
N VAL A 173 -35.22 1.92 9.62
CA VAL A 173 -34.25 2.12 10.71
C VAL A 173 -32.84 1.59 10.32
N ILE A 174 -32.71 0.33 9.84
CA ILE A 174 -31.41 -0.22 9.44
C ILE A 174 -30.80 0.56 8.26
N CYS A 175 -31.64 1.06 7.36
CA CYS A 175 -31.20 1.84 6.21
C CYS A 175 -30.80 3.23 6.63
N VAL A 176 -31.50 3.82 7.62
CA VAL A 176 -31.16 5.15 8.11
C VAL A 176 -29.87 5.09 8.96
N LEU A 177 -29.70 4.04 9.81
CA LEU A 177 -28.52 3.84 10.63
C LEU A 177 -27.30 3.52 9.74
N GLY A 178 -27.52 2.72 8.69
CA GLY A 178 -26.52 2.33 7.71
C GLY A 178 -25.99 3.50 6.91
N ILE A 179 -26.90 4.39 6.44
CA ILE A 179 -26.55 5.62 5.72
C ILE A 179 -25.73 6.56 6.62
N ALA A 180 -26.09 6.68 7.91
CA ALA A 180 -25.33 7.49 8.87
C ALA A 180 -23.89 6.95 9.07
N ALA A 181 -23.73 5.60 9.09
CA ALA A 181 -22.42 4.97 9.22
C ALA A 181 -21.60 5.26 7.94
N ILE A 182 -22.25 5.20 6.74
CA ILE A 182 -21.61 5.49 5.45
C ILE A 182 -21.14 6.96 5.42
N ILE A 183 -21.94 7.89 6.00
CA ILE A 183 -21.60 9.32 6.04
C ILE A 183 -20.42 9.56 6.98
N VAL A 184 -20.44 8.93 8.17
CA VAL A 184 -19.37 9.03 9.16
C VAL A 184 -18.04 8.43 8.60
N SER A 185 -18.15 7.39 7.76
CA SER A 185 -17.03 6.76 7.08
C SER A 185 -16.31 7.71 6.10
N GLN A 186 -16.94 8.85 5.71
CA GLN A 186 -16.37 9.85 4.78
C GLN A 186 -15.44 10.86 5.46
N TRP A 187 -15.57 10.99 6.78
CA TRP A 187 -14.82 11.87 7.68
C TRP A 187 -13.40 11.31 7.81
N ASP A 188 -12.40 12.14 7.46
CA ASP A 188 -10.99 11.74 7.44
C ASP A 188 -10.42 11.35 8.82
N MET A 189 -10.97 11.87 9.94
CA MET A 189 -10.53 11.51 11.29
C MET A 189 -10.83 10.06 11.60
N PHE A 190 -12.00 9.57 11.10
CA PHE A 190 -12.52 8.20 11.26
C PHE A 190 -11.54 7.13 10.76
N ALA A 191 -10.73 7.43 9.73
CA ALA A 191 -9.73 6.50 9.18
C ALA A 191 -8.40 6.45 9.96
N THR A 192 -8.22 7.35 10.96
CA THR A 192 -6.97 7.41 11.74
C THR A 192 -6.84 6.24 12.72
N PRO A 193 -5.57 5.79 13.01
CA PRO A 193 -5.36 4.70 13.98
C PRO A 193 -5.96 4.93 15.37
N GLN A 194 -6.04 6.21 15.81
CA GLN A 194 -6.62 6.63 17.11
C GLN A 194 -8.14 6.30 17.20
N TYR A 195 -8.83 6.32 16.04
CA TYR A 195 -10.26 6.07 15.90
C TYR A 195 -10.65 4.59 15.66
N ARG A 196 -9.66 3.67 15.72
CA ARG A 196 -9.81 2.22 15.54
C ARG A 196 -10.98 1.66 16.37
N GLY A 197 -11.00 2.01 17.67
CA GLY A 197 -12.05 1.62 18.60
C GLY A 197 -13.39 2.26 18.30
N VAL A 198 -13.39 3.52 17.74
CA VAL A 198 -14.62 4.22 17.32
C VAL A 198 -15.27 3.43 16.15
N ARG A 199 -14.43 3.01 15.17
CA ARG A 199 -14.87 2.21 14.01
C ARG A 199 -15.47 0.88 14.46
N ALA A 200 -14.83 0.21 15.44
CA ALA A 200 -15.35 -1.05 15.97
C ALA A 200 -16.70 -0.81 16.64
N GLY A 201 -16.86 0.30 17.35
CA GLY A 201 -18.10 0.69 18.03
C GLY A 201 -19.23 1.01 17.08
N VAL A 202 -18.96 1.77 16.01
CA VAL A 202 -19.97 2.19 15.02
C VAL A 202 -20.54 0.99 14.29
N PHE A 203 -19.68 0.13 13.77
CA PHE A 203 -20.12 -1.02 12.99
C PHE A 203 -20.71 -2.09 13.88
N LEU A 204 -20.18 -2.25 15.09
CA LEU A 204 -20.72 -3.21 16.05
C LEU A 204 -22.12 -2.78 16.47
N GLY A 205 -22.30 -1.49 16.69
CA GLY A 205 -23.60 -0.93 17.06
C GLY A 205 -24.63 -1.22 15.99
N LEU A 206 -24.22 -1.08 14.74
CA LEU A 206 -25.08 -1.28 13.58
C LEU A 206 -25.60 -2.72 13.48
N GLY A 207 -24.74 -3.69 13.74
CA GLY A 207 -25.11 -5.11 13.72
C GLY A 207 -25.91 -5.49 14.95
N LEU A 208 -25.55 -4.90 16.09
CA LEU A 208 -26.22 -5.13 17.35
C LEU A 208 -27.53 -4.43 17.44
N SER A 209 -27.79 -3.43 16.56
CA SER A 209 -29.09 -2.74 16.55
C SER A 209 -30.21 -3.73 16.19
N GLY A 210 -29.84 -4.91 15.66
CA GLY A 210 -30.72 -6.03 15.34
C GLY A 210 -31.41 -6.59 16.58
N ILE A 211 -30.97 -6.16 17.77
CA ILE A 211 -31.54 -6.49 19.09
C ILE A 211 -32.95 -5.90 19.20
N ILE A 212 -33.17 -4.68 18.67
CA ILE A 212 -34.48 -3.99 18.71
C ILE A 212 -35.50 -4.84 17.97
N PRO A 213 -35.35 -5.17 16.68
CA PRO A 213 -36.36 -6.01 16.03
C PRO A 213 -36.41 -7.41 16.62
N THR A 214 -35.34 -7.88 17.27
CA THR A 214 -35.33 -9.21 17.90
C THR A 214 -36.24 -9.22 19.11
N LEU A 215 -36.19 -8.16 19.94
CA LEU A 215 -37.07 -8.08 21.12
C LEU A 215 -38.52 -8.03 20.67
N HIS A 216 -38.81 -7.22 19.64
CA HIS A 216 -40.14 -7.10 19.06
C HIS A 216 -40.68 -8.45 18.57
N TYR A 217 -39.83 -9.27 17.95
CA TYR A 217 -40.22 -10.59 17.47
C TYR A 217 -40.57 -11.51 18.65
N VAL A 218 -39.70 -11.58 19.67
CA VAL A 218 -39.86 -12.41 20.87
C VAL A 218 -41.11 -11.98 21.68
N ILE A 219 -41.36 -10.69 21.81
CA ILE A 219 -42.54 -10.18 22.52
C ILE A 219 -43.81 -10.59 21.76
N SER A 220 -43.78 -10.48 20.42
CA SER A 220 -44.90 -10.83 19.55
C SER A 220 -45.18 -12.31 19.45
N GLU A 221 -44.14 -13.16 19.40
CA GLU A 221 -44.34 -14.60 19.18
C GLU A 221 -44.01 -15.52 20.36
N GLY A 222 -43.25 -15.04 21.32
CA GLY A 222 -42.88 -15.87 22.47
C GLY A 222 -41.57 -16.63 22.35
N PHE A 223 -41.08 -17.09 23.50
CA PHE A 223 -39.82 -17.83 23.62
C PHE A 223 -39.81 -19.13 22.91
N LEU A 224 -40.91 -19.88 22.97
CA LEU A 224 -41.00 -21.17 22.32
C LEU A 224 -40.85 -21.01 20.83
N LYS A 225 -41.59 -20.08 20.21
CA LYS A 225 -41.52 -19.85 18.77
C LYS A 225 -40.15 -19.37 18.33
N ALA A 226 -39.59 -18.38 19.03
CA ALA A 226 -38.28 -17.84 18.73
C ALA A 226 -37.22 -18.95 18.87
N ALA A 227 -37.34 -19.80 19.89
CA ALA A 227 -36.46 -20.93 20.15
C ALA A 227 -36.73 -22.16 19.28
N THR A 228 -38.01 -22.52 19.02
CA THR A 228 -38.40 -23.72 18.22
C THR A 228 -37.87 -23.61 16.86
N ILE A 229 -38.15 -22.47 16.21
CA ILE A 229 -37.53 -22.12 14.95
C ILE A 229 -36.15 -21.78 15.54
N GLY A 230 -35.07 -22.11 14.86
CA GLY A 230 -33.75 -21.88 15.45
C GLY A 230 -33.27 -20.46 15.50
N GLN A 231 -34.18 -19.46 15.47
CA GLN A 231 -33.79 -18.04 15.49
C GLN A 231 -32.85 -17.74 16.63
N ILE A 232 -33.22 -18.09 17.87
CA ILE A 232 -32.48 -17.79 19.10
C ILE A 232 -31.05 -18.37 19.11
N GLY A 233 -30.85 -19.63 18.75
CA GLY A 233 -29.52 -20.23 18.72
C GLY A 233 -28.64 -19.60 17.66
N TRP A 234 -29.21 -19.41 16.49
CA TRP A 234 -28.53 -18.80 15.35
C TRP A 234 -28.21 -17.31 15.61
N LEU A 235 -29.13 -16.56 16.24
CA LEU A 235 -28.93 -15.15 16.59
C LEU A 235 -27.85 -14.95 17.63
N MET A 236 -27.75 -15.87 18.60
CA MET A 236 -26.72 -15.79 19.65
C MET A 236 -25.37 -15.96 19.02
N LEU A 237 -25.24 -16.90 18.07
CA LEU A 237 -24.00 -17.16 17.38
C LEU A 237 -23.58 -15.94 16.55
N MET A 238 -24.53 -15.33 15.86
CA MET A 238 -24.26 -14.14 15.05
C MET A 238 -23.75 -13.02 15.91
N ALA A 239 -24.38 -12.81 17.08
CA ALA A 239 -24.01 -11.78 18.04
C ALA A 239 -22.62 -12.06 18.58
N SER A 240 -22.28 -13.35 18.79
CA SER A 240 -20.96 -13.80 19.22
C SER A 240 -19.90 -13.46 18.20
N LEU A 241 -20.16 -13.76 16.91
CA LEU A 241 -19.18 -13.51 15.85
C LEU A 241 -18.86 -12.04 15.72
N TYR A 242 -19.87 -11.20 15.88
CA TYR A 242 -19.78 -9.75 15.85
C TYR A 242 -18.87 -9.26 16.95
N ILE A 243 -19.16 -9.66 18.19
CA ILE A 243 -18.45 -9.24 19.40
C ILE A 243 -17.00 -9.68 19.39
N THR A 244 -16.71 -10.98 19.19
CA THR A 244 -15.33 -11.44 19.22
C THR A 244 -14.55 -10.85 18.05
N GLY A 245 -15.20 -10.74 16.88
CA GLY A 245 -14.65 -10.14 15.68
C GLY A 245 -14.28 -8.68 15.89
N ALA A 246 -15.16 -7.91 16.55
CA ALA A 246 -14.90 -6.50 16.86
C ALA A 246 -13.82 -6.33 17.92
N ALA A 247 -13.77 -7.24 18.92
CA ALA A 247 -12.81 -7.22 20.03
C ALA A 247 -11.40 -7.47 19.49
N LEU A 248 -11.23 -8.50 18.61
CA LEU A 248 -9.94 -8.79 17.95
C LEU A 248 -9.45 -7.58 17.18
N TYR A 249 -10.31 -6.97 16.38
CA TYR A 249 -9.98 -5.79 15.57
C TYR A 249 -9.57 -4.58 16.42
N ALA A 250 -10.37 -4.25 17.44
CA ALA A 250 -10.09 -3.09 18.28
C ALA A 250 -8.81 -3.24 19.15
N ALA A 251 -8.55 -4.46 19.63
CA ALA A 251 -7.45 -4.76 20.53
C ALA A 251 -6.14 -5.19 19.87
N ARG A 252 -6.14 -5.50 18.55
CA ARG A 252 -4.97 -5.95 17.81
C ARG A 252 -4.35 -7.22 18.41
N ILE A 253 -5.22 -8.20 18.70
CA ILE A 253 -4.84 -9.51 19.22
C ILE A 253 -4.72 -10.49 18.04
N PRO A 254 -3.64 -11.30 17.92
CA PRO A 254 -2.56 -11.53 18.90
C PRO A 254 -1.24 -10.75 18.73
N GLU A 255 -1.08 -9.94 17.64
CA GLU A 255 0.16 -9.22 17.38
C GLU A 255 0.58 -8.28 18.54
N ARG A 256 -0.40 -7.86 19.40
CA ARG A 256 -0.14 -7.06 20.60
C ARG A 256 0.74 -7.87 21.57
N PHE A 257 0.53 -9.20 21.62
CA PHE A 257 1.27 -10.12 22.49
C PHE A 257 2.56 -10.65 21.88
N PHE A 258 2.64 -10.70 20.52
CA PHE A 258 3.85 -11.15 19.84
C PHE A 258 4.23 -10.15 18.74
N PRO A 259 4.67 -8.92 19.08
CA PRO A 259 5.02 -7.96 18.03
C PRO A 259 6.18 -8.48 17.19
N GLY A 260 6.03 -8.38 15.87
CA GLY A 260 7.01 -8.86 14.90
C GLY A 260 6.95 -10.34 14.60
N LYS A 261 6.01 -11.06 15.21
CA LYS A 261 5.81 -12.50 14.99
C LYS A 261 4.56 -12.81 14.12
N CYS A 262 3.64 -11.84 13.95
CA CYS A 262 2.41 -11.99 13.16
C CYS A 262 2.37 -11.03 11.98
N ASP A 263 3.54 -10.59 11.48
CA ASP A 263 3.57 -9.62 10.39
C ASP A 263 2.86 -10.13 9.14
N ILE A 264 3.07 -11.40 8.79
CA ILE A 264 2.47 -11.99 7.58
C ILE A 264 1.21 -12.82 7.89
N TRP A 265 1.25 -13.68 8.93
CA TRP A 265 0.13 -14.55 9.21
C TRP A 265 -0.51 -14.39 10.58
N PHE A 266 -1.83 -14.47 10.60
CA PHE A 266 -2.74 -14.46 11.75
C PHE A 266 -2.75 -13.20 12.58
N HIS A 267 -2.40 -12.03 12.00
CA HIS A 267 -2.56 -10.80 12.77
C HIS A 267 -4.10 -10.50 12.84
N SER A 268 -4.50 -9.62 13.74
CA SER A 268 -5.90 -9.28 14.01
C SER A 268 -6.76 -8.96 12.79
N HIS A 269 -6.28 -8.09 11.87
CA HIS A 269 -7.04 -7.67 10.68
C HIS A 269 -7.38 -8.88 9.79
N GLN A 270 -6.41 -9.77 9.62
CA GLN A 270 -6.52 -11.01 8.85
C GLN A 270 -7.57 -11.95 9.51
N LEU A 271 -7.56 -12.07 10.84
CA LEU A 271 -8.52 -12.91 11.53
C LEU A 271 -9.89 -12.33 11.40
N PHE A 272 -9.97 -11.00 11.47
CA PHE A 272 -11.22 -10.26 11.34
C PHE A 272 -11.84 -10.49 9.98
N HIS A 273 -11.01 -10.46 8.90
CA HIS A 273 -11.43 -10.72 7.52
C HIS A 273 -12.07 -12.11 7.45
N ILE A 274 -11.47 -13.10 8.11
CA ILE A 274 -11.99 -14.48 8.16
C ILE A 274 -13.36 -14.52 8.84
N PHE A 275 -13.51 -13.80 9.96
CA PHE A 275 -14.77 -13.65 10.71
C PHE A 275 -15.88 -13.08 9.85
N VAL A 276 -15.57 -12.10 8.96
CA VAL A 276 -16.54 -11.46 8.06
C VAL A 276 -17.10 -12.50 7.06
N VAL A 277 -16.23 -13.28 6.45
CA VAL A 277 -16.62 -14.33 5.50
C VAL A 277 -17.43 -15.42 6.22
N ALA A 278 -16.96 -15.89 7.39
CA ALA A 278 -17.66 -16.89 8.17
C ALA A 278 -19.00 -16.35 8.64
N GLY A 279 -19.00 -15.12 9.15
CA GLY A 279 -20.18 -14.42 9.63
C GLY A 279 -21.26 -14.34 8.57
N ALA A 280 -20.85 -13.98 7.33
CA ALA A 280 -21.73 -13.86 6.18
C ALA A 280 -22.30 -15.21 5.75
N PHE A 281 -21.51 -16.29 5.86
CA PHE A 281 -21.99 -17.64 5.55
C PHE A 281 -22.98 -18.16 6.61
N VAL A 282 -22.67 -17.98 7.90
CA VAL A 282 -23.57 -18.43 8.97
C VAL A 282 -24.90 -17.66 8.89
N HIS A 283 -24.83 -16.34 8.57
CA HIS A 283 -26.01 -15.50 8.38
C HIS A 283 -26.82 -16.02 7.18
N PHE A 284 -26.14 -16.34 6.06
CA PHE A 284 -26.80 -16.89 4.88
C PHE A 284 -27.52 -18.18 5.25
N HIS A 285 -26.83 -19.08 5.98
CA HIS A 285 -27.37 -20.36 6.44
C HIS A 285 -28.65 -20.18 7.27
N GLY A 286 -28.65 -19.20 8.18
CA GLY A 286 -29.79 -18.91 9.04
C GLY A 286 -31.03 -18.46 8.29
N VAL A 287 -30.88 -17.46 7.42
CA VAL A 287 -31.98 -16.94 6.58
C VAL A 287 -32.42 -17.96 5.52
N SER A 288 -31.51 -18.86 5.09
CA SER A 288 -31.83 -19.92 4.13
C SER A 288 -32.78 -20.97 4.78
N ASN A 289 -32.60 -21.24 6.08
CA ASN A 289 -33.44 -22.14 6.86
C ASN A 289 -34.83 -21.53 7.09
N LEU A 290 -34.88 -20.19 7.31
CA LEU A 290 -36.13 -19.44 7.49
C LEU A 290 -36.99 -19.52 6.23
N GLN A 291 -36.37 -19.49 5.04
CA GLN A 291 -37.13 -19.56 3.79
C GLN A 291 -37.66 -20.97 3.55
N GLU A 292 -36.89 -22.02 3.97
CA GLU A 292 -37.27 -23.42 3.86
C GLU A 292 -38.46 -23.71 4.76
N PHE A 293 -38.49 -23.08 5.94
CA PHE A 293 -39.56 -23.20 6.91
C PHE A 293 -40.80 -22.47 6.36
N ARG A 294 -40.61 -21.26 5.81
CA ARG A 294 -41.71 -20.48 5.21
C ARG A 294 -42.30 -21.28 4.04
N PHE A 295 -41.47 -22.05 3.34
CA PHE A 295 -41.90 -22.88 2.23
C PHE A 295 -42.78 -24.06 2.72
N MET A 296 -42.40 -24.70 3.83
CA MET A 296 -43.13 -25.83 4.38
C MET A 296 -44.53 -25.47 4.87
N ILE A 297 -44.69 -24.26 5.43
CA ILE A 297 -45.97 -23.80 5.96
C ILE A 297 -46.79 -22.91 4.97
N GLY A 298 -46.19 -22.54 3.83
CA GLY A 298 -46.84 -21.70 2.83
C GLY A 298 -46.97 -20.25 3.23
N GLY A 299 -47.52 -19.44 2.32
CA GLY A 299 -47.69 -18.00 2.52
C GLY A 299 -48.89 -17.54 3.32
N GLY A 300 -49.64 -18.49 3.89
CA GLY A 300 -50.82 -18.21 4.70
C GLY A 300 -50.52 -17.55 6.02
N CYS A 301 -51.26 -16.49 6.34
CA CYS A 301 -51.10 -15.72 7.58
C CYS A 301 -52.29 -15.93 8.52
N GLU B 1 20.29 10.44 11.46
CA GLU B 1 21.03 9.34 12.06
C GLU B 1 21.49 8.28 11.06
N VAL B 2 20.91 8.25 9.85
CA VAL B 2 21.42 7.33 8.82
C VAL B 2 22.62 8.06 8.18
N LEU B 3 23.76 7.34 8.13
CA LEU B 3 24.99 7.80 7.51
C LEU B 3 25.63 6.69 6.70
N LEU B 4 26.22 7.09 5.57
CA LEU B 4 26.91 6.25 4.58
C LEU B 4 28.26 6.94 4.42
N GLN B 5 29.31 6.30 4.96
CA GLN B 5 30.66 6.84 4.99
C GLN B 5 31.58 6.07 4.08
N GLN B 6 32.06 6.73 3.05
CA GLN B 6 32.92 6.13 2.05
C GLN B 6 34.40 6.28 2.35
N SER B 7 35.22 5.41 1.77
CA SER B 7 36.67 5.45 1.89
C SER B 7 37.21 6.68 1.10
N GLY B 8 38.47 7.05 1.40
CA GLY B 8 39.14 8.22 0.85
C GLY B 8 39.46 8.19 -0.63
N PRO B 9 40.02 9.30 -1.18
CA PRO B 9 40.36 9.35 -2.62
C PRO B 9 41.45 8.37 -3.02
N GLU B 10 41.45 7.99 -4.30
CA GLU B 10 42.44 7.07 -4.83
C GLU B 10 43.05 7.57 -6.10
N LEU B 11 44.38 7.57 -6.15
CA LEU B 11 45.17 7.95 -7.29
C LEU B 11 45.85 6.66 -7.66
N VAL B 12 45.45 6.10 -8.80
CA VAL B 12 45.92 4.78 -9.24
C VAL B 12 46.41 4.83 -10.68
N LYS B 13 47.24 3.85 -11.05
CA LYS B 13 47.78 3.77 -12.40
C LYS B 13 46.91 2.90 -13.30
N PRO B 14 46.90 3.09 -14.65
CA PRO B 14 46.08 2.23 -15.51
C PRO B 14 46.33 0.73 -15.31
N GLY B 15 45.25 -0.06 -15.36
CA GLY B 15 45.28 -1.51 -15.21
C GLY B 15 45.17 -1.99 -13.78
N ALA B 16 45.18 -1.05 -12.82
CA ALA B 16 45.06 -1.39 -11.40
C ALA B 16 43.58 -1.66 -11.04
N SER B 17 43.35 -2.02 -9.77
CA SER B 17 42.03 -2.28 -9.23
C SER B 17 41.88 -1.49 -7.95
N VAL B 18 40.67 -0.98 -7.69
CA VAL B 18 40.37 -0.25 -6.45
C VAL B 18 39.13 -0.81 -5.79
N ARG B 19 39.08 -0.75 -4.47
CA ARG B 19 37.91 -1.17 -3.72
C ARG B 19 37.42 0.01 -2.89
N ILE B 20 36.22 0.49 -3.22
CA ILE B 20 35.58 1.59 -2.51
C ILE B 20 34.73 0.97 -1.38
N THR B 21 34.83 1.55 -0.18
CA THR B 21 34.11 1.14 1.03
C THR B 21 32.92 2.05 1.26
N CYS B 22 31.83 1.47 1.77
CA CYS B 22 30.65 2.22 2.15
C CYS B 22 30.19 1.67 3.46
N LYS B 23 30.47 2.40 4.55
CA LYS B 23 30.11 2.01 5.90
C LYS B 23 28.79 2.65 6.24
N ALA B 24 27.79 1.77 6.47
CA ALA B 24 26.41 2.15 6.75
C ALA B 24 26.12 2.12 8.23
N SER B 25 25.46 3.17 8.74
CA SER B 25 25.08 3.25 10.14
C SER B 25 23.71 3.93 10.33
N GLY B 26 23.09 3.69 11.48
CA GLY B 26 21.82 4.27 11.88
C GLY B 26 20.57 3.51 11.48
N TYR B 27 20.73 2.25 11.01
CA TYR B 27 19.65 1.35 10.58
C TYR B 27 20.15 -0.09 10.46
N THR B 28 19.21 -1.06 10.33
CA THR B 28 19.53 -2.47 10.14
C THR B 28 20.00 -2.64 8.69
N PHE B 29 21.30 -2.93 8.52
CA PHE B 29 22.00 -3.05 7.26
C PHE B 29 21.31 -3.89 6.19
N THR B 30 20.92 -5.12 6.52
CA THR B 30 20.27 -6.05 5.60
C THR B 30 18.86 -5.61 5.09
N ASP B 31 18.20 -4.66 5.81
CA ASP B 31 16.83 -4.21 5.49
C ASP B 31 16.62 -3.55 4.12
N PHE B 32 17.66 -2.89 3.58
CA PHE B 32 17.55 -2.13 2.34
C PHE B 32 18.66 -2.46 1.37
N ASN B 33 18.37 -2.30 0.07
CA ASN B 33 19.39 -2.47 -0.96
C ASN B 33 20.30 -1.24 -1.05
N MET B 34 21.55 -1.50 -1.44
CA MET B 34 22.59 -0.49 -1.66
C MET B 34 22.87 -0.40 -3.16
N ASP B 35 22.91 0.82 -3.71
CA ASP B 35 23.19 1.06 -5.12
C ASP B 35 24.50 1.81 -5.25
N TRP B 36 25.18 1.62 -6.38
CA TRP B 36 26.42 2.31 -6.68
C TRP B 36 26.19 3.17 -7.91
N VAL B 37 26.67 4.44 -7.84
CA VAL B 37 26.48 5.46 -8.86
C VAL B 37 27.85 6.08 -9.24
N LYS B 38 28.07 6.37 -10.52
CA LYS B 38 29.30 6.98 -11.02
C LYS B 38 28.97 8.37 -11.57
N GLN B 39 29.91 9.31 -11.40
CA GLN B 39 29.79 10.65 -11.97
C GLN B 39 31.13 11.14 -12.50
N SER B 40 31.31 11.09 -13.82
CA SER B 40 32.49 11.59 -14.48
C SER B 40 32.58 13.10 -14.33
N PRO B 41 33.78 13.71 -14.31
CA PRO B 41 33.85 15.16 -14.05
C PRO B 41 33.12 16.02 -15.07
N GLY B 42 32.21 16.85 -14.56
CA GLY B 42 31.35 17.72 -15.35
C GLY B 42 30.34 16.91 -16.13
N LYS B 43 29.86 15.83 -15.53
CA LYS B 43 28.92 14.95 -16.21
C LYS B 43 27.74 14.59 -15.36
N SER B 44 26.83 13.84 -15.94
CA SER B 44 25.63 13.36 -15.28
C SER B 44 25.91 12.10 -14.47
N LEU B 45 24.94 11.67 -13.68
CA LEU B 45 25.02 10.50 -12.83
C LEU B 45 24.68 9.26 -13.65
N GLU B 46 25.35 8.13 -13.33
CA GLU B 46 25.14 6.84 -14.00
C GLU B 46 25.01 5.76 -12.98
N TRP B 47 24.05 4.91 -13.19
CA TRP B 47 23.75 3.80 -12.34
C TRP B 47 24.66 2.61 -12.67
N ILE B 48 25.43 2.14 -11.71
CA ILE B 48 26.35 1.01 -11.89
C ILE B 48 25.60 -0.29 -11.65
N GLY B 49 24.87 -0.34 -10.55
CA GLY B 49 24.06 -1.49 -10.19
C GLY B 49 23.55 -1.47 -8.77
N ASP B 50 22.89 -2.56 -8.35
CA ASP B 50 22.40 -2.64 -6.99
C ASP B 50 22.77 -3.95 -6.35
N PHE B 51 22.89 -3.93 -5.03
CA PHE B 51 23.27 -5.08 -4.25
C PHE B 51 22.27 -5.26 -3.10
N ASN B 52 21.89 -6.51 -2.83
CA ASN B 52 20.93 -6.86 -1.78
C ASN B 52 21.73 -7.49 -0.63
N PRO B 53 21.98 -6.76 0.49
CA PRO B 53 22.83 -7.31 1.55
C PRO B 53 22.28 -8.55 2.23
N ASN B 54 20.95 -8.71 2.19
CA ASN B 54 20.22 -9.84 2.77
C ASN B 54 20.37 -11.11 1.92
N SER B 55 19.99 -11.05 0.63
CA SER B 55 20.06 -12.19 -0.29
C SER B 55 21.46 -12.44 -0.82
N GLY B 56 22.25 -11.38 -0.93
CA GLY B 56 23.61 -11.43 -1.49
C GLY B 56 23.58 -11.26 -2.99
N GLY B 57 22.37 -11.04 -3.53
CA GLY B 57 22.15 -10.88 -4.96
C GLY B 57 22.48 -9.48 -5.46
N SER B 58 22.98 -9.41 -6.67
CA SER B 58 23.29 -8.14 -7.33
C SER B 58 22.78 -8.09 -8.76
N ILE B 59 22.41 -6.89 -9.21
CA ILE B 59 21.97 -6.62 -10.59
C ILE B 59 22.92 -5.53 -11.07
N TYR B 60 23.60 -5.77 -12.19
CA TYR B 60 24.51 -4.78 -12.75
C TYR B 60 23.94 -4.17 -13.99
N ASN B 61 24.28 -2.91 -14.25
CA ASN B 61 23.97 -2.23 -15.51
C ASN B 61 24.99 -2.94 -16.45
N GLN B 62 24.53 -3.42 -17.63
CA GLN B 62 25.39 -4.13 -18.60
C GLN B 62 26.68 -3.37 -18.95
N LYS B 63 26.63 -2.02 -18.96
CA LYS B 63 27.76 -1.15 -19.25
C LYS B 63 28.94 -1.40 -18.29
N PHE B 64 28.67 -1.78 -17.02
CA PHE B 64 29.68 -2.01 -15.97
C PHE B 64 29.81 -3.47 -15.52
N LYS B 65 29.13 -4.41 -16.19
CA LYS B 65 29.15 -5.83 -15.82
C LYS B 65 30.56 -6.42 -15.70
N ASP B 66 31.51 -5.94 -16.55
CA ASP B 66 32.91 -6.38 -16.56
C ASP B 66 33.83 -5.42 -15.77
N LYS B 67 33.31 -4.25 -15.36
CA LYS B 67 34.04 -3.25 -14.60
C LYS B 67 33.84 -3.36 -13.08
N ALA B 68 32.59 -3.48 -12.61
CA ALA B 68 32.32 -3.54 -11.18
C ALA B 68 31.99 -4.91 -10.63
N THR B 69 32.29 -5.10 -9.35
CA THR B 69 31.92 -6.27 -8.55
C THR B 69 31.50 -5.72 -7.20
N PHE B 70 30.31 -6.11 -6.72
CA PHE B 70 29.81 -5.67 -5.42
C PHE B 70 29.99 -6.77 -4.41
N THR B 71 30.40 -6.40 -3.20
CA THR B 71 30.54 -7.33 -2.08
C THR B 71 30.02 -6.66 -0.83
N VAL B 72 29.93 -7.44 0.24
CA VAL B 72 29.40 -7.00 1.53
C VAL B 72 30.18 -7.67 2.66
N ASP B 73 30.05 -7.07 3.85
CA ASP B 73 30.57 -7.56 5.11
C ASP B 73 29.44 -7.23 6.05
N LYS B 74 28.52 -8.19 6.22
CA LYS B 74 27.31 -8.02 7.03
C LYS B 74 27.60 -7.62 8.47
N SER B 75 28.63 -8.23 9.09
CA SER B 75 29.08 -7.96 10.47
C SER B 75 29.41 -6.50 10.73
N SER B 76 30.16 -5.85 9.82
CA SER B 76 30.57 -4.46 9.97
C SER B 76 29.66 -3.45 9.27
N SER B 77 28.51 -3.91 8.70
CA SER B 77 27.50 -3.10 8.00
C SER B 77 28.15 -2.31 6.87
N THR B 78 29.02 -2.99 6.10
CA THR B 78 29.73 -2.35 5.01
C THR B 78 29.53 -3.05 3.70
N ALA B 79 29.30 -2.23 2.65
CA ALA B 79 29.19 -2.60 1.26
C ALA B 79 30.50 -2.19 0.55
N TYR B 80 30.96 -3.01 -0.41
CA TYR B 80 32.17 -2.71 -1.16
C TYR B 80 31.89 -2.74 -2.64
N MET B 81 32.70 -2.02 -3.41
CA MET B 81 32.64 -2.08 -4.86
C MET B 81 34.06 -2.10 -5.44
N GLU B 82 34.41 -3.22 -6.06
CA GLU B 82 35.69 -3.43 -6.72
C GLU B 82 35.60 -2.92 -8.14
N LEU B 83 36.55 -2.07 -8.55
CA LEU B 83 36.67 -1.60 -9.93
C LEU B 83 37.95 -2.15 -10.46
N ARG B 84 37.89 -2.86 -11.57
CA ARG B 84 39.06 -3.51 -12.12
C ARG B 84 39.46 -3.03 -13.49
N SER B 85 40.76 -3.21 -13.83
CA SER B 85 41.40 -2.87 -15.11
C SER B 85 41.10 -1.45 -15.46
N LEU B 86 41.50 -0.56 -14.58
CA LEU B 86 41.18 0.85 -14.66
C LEU B 86 41.84 1.57 -15.80
N THR B 87 41.05 2.41 -16.48
CA THR B 87 41.45 3.22 -17.62
C THR B 87 41.14 4.69 -17.30
N PHE B 88 41.59 5.62 -18.15
CA PHE B 88 41.33 7.06 -17.97
C PHE B 88 39.84 7.44 -17.93
N GLU B 89 38.97 6.63 -18.60
CA GLU B 89 37.52 6.83 -18.66
C GLU B 89 36.87 6.57 -17.30
N ASP B 90 37.52 5.74 -16.47
CA ASP B 90 37.10 5.40 -15.11
C ASP B 90 37.37 6.50 -14.07
N THR B 91 38.00 7.64 -14.47
CA THR B 91 38.23 8.77 -13.54
C THR B 91 36.85 9.36 -13.20
N ALA B 92 36.43 9.26 -11.94
CA ALA B 92 35.12 9.78 -11.56
C ALA B 92 34.94 9.80 -10.06
N VAL B 93 33.82 10.40 -9.62
CA VAL B 93 33.39 10.33 -8.24
C VAL B 93 32.37 9.17 -8.21
N TYR B 94 32.58 8.21 -7.31
CA TYR B 94 31.69 7.04 -7.14
C TYR B 94 30.94 7.17 -5.84
N TYR B 95 29.62 6.98 -5.87
CA TYR B 95 28.73 7.03 -4.71
C TYR B 95 28.06 5.71 -4.45
N CYS B 96 27.71 5.51 -3.17
CA CYS B 96 26.84 4.45 -2.74
C CYS B 96 25.60 5.24 -2.31
N ALA B 97 24.43 4.76 -2.71
CA ALA B 97 23.18 5.38 -2.33
C ALA B 97 22.24 4.27 -1.85
N ARG B 98 21.51 4.54 -0.75
CA ARG B 98 20.60 3.56 -0.18
C ARG B 98 19.15 3.71 -0.66
N GLU B 99 18.52 2.57 -0.94
CA GLU B 99 17.14 2.47 -1.33
C GLU B 99 16.24 2.47 -0.07
N THR B 100 14.93 2.61 -0.26
CA THR B 100 13.92 2.51 0.80
C THR B 100 12.73 1.77 0.18
N GLY B 101 12.88 0.47 -0.07
CA GLY B 101 11.84 -0.35 -0.68
C GLY B 101 11.93 -0.36 -2.20
N THR B 102 11.78 0.83 -2.84
CA THR B 102 11.96 1.07 -4.27
C THR B 102 13.25 1.91 -4.42
N ALA B 103 13.87 1.95 -5.62
CA ALA B 103 15.17 2.60 -5.78
C ALA B 103 15.15 4.13 -5.97
N TRP B 104 14.61 4.83 -4.97
CA TRP B 104 14.73 6.29 -4.90
C TRP B 104 15.74 6.44 -3.76
N PHE B 105 16.68 7.37 -3.87
CA PHE B 105 17.80 7.48 -2.93
C PHE B 105 17.72 8.61 -1.91
N ALA B 106 17.32 8.25 -0.69
CA ALA B 106 17.19 9.20 0.42
C ALA B 106 18.54 9.45 1.05
N TYR B 107 19.44 8.44 1.00
CA TYR B 107 20.78 8.50 1.60
C TYR B 107 21.89 8.21 0.62
N TRP B 108 22.93 9.07 0.63
CA TRP B 108 24.10 8.98 -0.23
C TRP B 108 25.35 9.11 0.61
N GLY B 109 26.43 8.44 0.20
CA GLY B 109 27.76 8.63 0.76
C GLY B 109 28.30 9.96 0.27
N GLN B 110 29.43 10.42 0.81
CA GLN B 110 30.03 11.70 0.40
C GLN B 110 30.74 11.64 -0.97
N GLY B 111 30.94 10.41 -1.48
CA GLY B 111 31.62 10.16 -2.75
C GLY B 111 33.09 9.90 -2.54
N THR B 112 33.67 9.04 -3.39
CA THR B 112 35.09 8.68 -3.43
C THR B 112 35.60 9.04 -4.83
N LEU B 113 36.63 9.91 -4.90
CA LEU B 113 37.21 10.29 -6.18
C LEU B 113 38.29 9.29 -6.58
N VAL B 114 38.12 8.68 -7.75
CA VAL B 114 39.10 7.73 -8.28
C VAL B 114 39.75 8.43 -9.47
N THR B 115 41.06 8.75 -9.35
CA THR B 115 41.84 9.41 -10.39
C THR B 115 42.79 8.39 -10.99
N VAL B 116 42.66 8.19 -12.30
CA VAL B 116 43.51 7.29 -13.06
C VAL B 116 44.53 8.17 -13.75
N SER B 117 45.78 8.06 -13.28
CA SER B 117 46.94 8.81 -13.74
C SER B 117 48.10 7.87 -14.00
N ALA B 118 48.92 8.21 -14.99
CA ALA B 118 50.10 7.45 -15.36
C ALA B 118 51.35 8.31 -15.13
N ALA B 119 51.19 9.48 -14.46
CA ALA B 119 52.23 10.47 -14.18
C ALA B 119 53.53 9.92 -13.55
N GLY B 120 53.40 8.93 -12.66
CA GLY B 120 54.54 8.31 -11.98
C GLY B 120 55.13 7.07 -12.62
N GLY B 121 54.48 6.57 -13.67
CA GLY B 121 54.89 5.38 -14.40
C GLY B 121 53.97 4.20 -14.17
N ASP B 140 15.81 0.11 -22.57
CA ASP B 140 16.40 1.08 -21.64
C ASP B 140 15.69 2.43 -21.75
N ILE B 141 15.30 3.01 -20.58
CA ILE B 141 14.56 4.26 -20.58
C ILE B 141 15.49 5.43 -20.58
N GLN B 142 15.36 6.26 -21.58
CA GLN B 142 16.14 7.50 -21.70
C GLN B 142 15.38 8.59 -20.99
N MET B 143 16.10 9.39 -20.20
CA MET B 143 15.49 10.52 -19.49
C MET B 143 16.04 11.77 -20.11
N THR B 144 15.16 12.56 -20.70
CA THR B 144 15.52 13.82 -21.34
C THR B 144 15.08 14.95 -20.45
N GLN B 145 16.02 15.68 -19.90
CA GLN B 145 15.78 16.82 -19.03
C GLN B 145 15.91 18.13 -19.78
N SER B 146 15.13 19.14 -19.41
CA SER B 146 15.16 20.42 -20.09
C SER B 146 14.67 21.55 -19.19
N PRO B 147 15.28 22.76 -19.24
CA PRO B 147 16.45 23.15 -20.04
C PRO B 147 17.74 22.53 -19.47
N ALA B 148 18.85 22.55 -20.21
CA ALA B 148 20.13 22.01 -19.72
C ALA B 148 20.75 22.95 -18.68
N SER B 149 20.41 24.24 -18.76
CA SER B 149 20.85 25.26 -17.81
C SER B 149 19.92 26.45 -17.81
N LEU B 150 19.86 27.15 -16.68
CA LEU B 150 19.07 28.37 -16.59
C LEU B 150 19.54 29.25 -15.47
N SER B 151 19.32 30.54 -15.63
CA SER B 151 19.67 31.50 -14.61
C SER B 151 18.44 32.34 -14.28
N ALA B 152 18.14 32.48 -12.99
CA ALA B 152 16.99 33.26 -12.54
C ALA B 152 17.27 33.99 -11.23
N SER B 153 16.51 35.05 -10.97
CA SER B 153 16.60 35.87 -9.78
C SER B 153 15.83 35.22 -8.62
N VAL B 154 16.25 35.52 -7.40
CA VAL B 154 15.63 35.13 -6.14
C VAL B 154 14.17 35.65 -6.14
N GLY B 155 13.24 34.78 -5.75
CA GLY B 155 11.82 35.10 -5.66
C GLY B 155 11.01 34.61 -6.84
N GLU B 156 11.69 34.31 -7.94
CA GLU B 156 11.04 33.84 -9.16
C GLU B 156 10.70 32.36 -9.06
N THR B 157 9.93 31.88 -10.03
CA THR B 157 9.52 30.50 -10.16
C THR B 157 10.25 29.89 -11.37
N VAL B 158 10.73 28.66 -11.24
CA VAL B 158 11.36 27.93 -12.33
C VAL B 158 10.71 26.55 -12.48
N THR B 159 10.66 26.06 -13.72
CA THR B 159 10.14 24.73 -14.05
C THR B 159 11.15 23.98 -14.88
N ILE B 160 11.53 22.79 -14.40
CA ILE B 160 12.43 21.86 -15.08
C ILE B 160 11.51 20.71 -15.50
N THR B 161 11.59 20.29 -16.76
CA THR B 161 10.79 19.15 -17.22
C THR B 161 11.67 17.93 -17.44
N CYS B 162 11.03 16.76 -17.41
CA CYS B 162 11.65 15.48 -17.61
C CYS B 162 10.74 14.61 -18.50
N ARG B 163 11.32 14.09 -19.57
CA ARG B 163 10.64 13.25 -20.55
C ARG B 163 11.29 11.88 -20.57
N ALA B 164 10.49 10.84 -20.42
CA ALA B 164 10.98 9.46 -20.42
C ALA B 164 10.67 8.78 -21.76
N SER B 165 11.57 7.95 -22.29
CA SER B 165 11.33 7.25 -23.57
C SER B 165 10.27 6.17 -23.48
N GLY B 166 9.87 5.81 -22.26
CA GLY B 166 8.83 4.83 -21.98
C GLY B 166 8.12 5.19 -20.69
N ASN B 167 6.89 4.69 -20.50
CA ASN B 167 6.10 4.93 -19.28
C ASN B 167 6.89 4.44 -18.04
N ILE B 168 7.03 5.31 -17.03
CA ILE B 168 7.79 4.91 -15.82
C ILE B 168 6.88 4.76 -14.61
N HIS B 169 5.56 4.83 -14.82
CA HIS B 169 4.52 4.55 -13.82
C HIS B 169 4.71 5.29 -12.49
N ASN B 170 5.10 6.58 -12.58
CA ASN B 170 5.32 7.51 -11.48
C ASN B 170 6.53 7.15 -10.59
N PHE B 171 7.37 6.21 -11.03
CA PHE B 171 8.57 5.82 -10.28
C PHE B 171 9.69 6.75 -10.73
N LEU B 172 9.54 8.01 -10.35
CA LEU B 172 10.49 9.07 -10.64
C LEU B 172 10.90 9.84 -9.37
N ALA B 173 12.19 10.20 -9.28
CA ALA B 173 12.74 11.01 -8.18
C ALA B 173 13.53 12.22 -8.74
N TRP B 174 13.50 13.35 -8.03
CA TRP B 174 14.23 14.59 -8.35
C TRP B 174 15.32 14.78 -7.30
N TYR B 175 16.54 15.12 -7.73
CA TYR B 175 17.69 15.33 -6.84
C TYR B 175 18.32 16.68 -7.09
N GLN B 176 18.86 17.29 -6.04
CA GLN B 176 19.62 18.54 -6.12
C GLN B 176 21.06 18.22 -5.72
N GLN B 177 22.04 18.72 -6.49
CA GLN B 177 23.45 18.52 -6.19
C GLN B 177 24.23 19.81 -6.20
N LYS B 178 24.77 20.21 -5.05
CA LYS B 178 25.65 21.37 -4.92
C LYS B 178 27.04 20.94 -5.37
N GLN B 179 27.86 21.88 -5.89
CA GLN B 179 29.21 21.57 -6.37
C GLN B 179 30.11 20.94 -5.28
N GLY B 180 30.77 19.86 -5.66
CA GLY B 180 31.65 19.12 -4.77
C GLY B 180 30.94 18.27 -3.74
N LYS B 181 29.59 18.25 -3.79
CA LYS B 181 28.79 17.50 -2.85
C LYS B 181 27.98 16.37 -3.49
N SER B 182 27.48 15.47 -2.66
CA SER B 182 26.69 14.35 -3.15
C SER B 182 25.24 14.84 -3.40
N PRO B 183 24.48 14.21 -4.33
CA PRO B 183 23.08 14.65 -4.50
C PRO B 183 22.21 14.35 -3.27
N GLN B 184 21.11 15.07 -3.14
CA GLN B 184 20.14 14.89 -2.07
C GLN B 184 18.76 14.91 -2.69
N VAL B 185 17.88 13.94 -2.30
CA VAL B 185 16.54 13.80 -2.85
C VAL B 185 15.63 15.00 -2.42
N LEU B 186 14.78 15.44 -3.35
CA LEU B 186 13.83 16.52 -3.14
C LEU B 186 12.44 15.95 -3.17
N VAL B 187 12.14 15.18 -4.24
CA VAL B 187 10.84 14.58 -4.53
C VAL B 187 11.07 13.15 -4.98
N TYR B 188 10.22 12.22 -4.55
CA TYR B 188 10.20 10.82 -4.98
C TYR B 188 8.76 10.44 -5.29
N ASN B 189 8.56 9.33 -6.03
CA ASN B 189 7.23 8.83 -6.46
C ASN B 189 6.41 9.91 -7.20
N ALA B 190 7.12 10.70 -8.01
CA ALA B 190 6.73 11.82 -8.89
C ALA B 190 6.27 13.10 -8.17
N LYS B 191 5.48 12.98 -7.09
CA LYS B 191 4.91 14.14 -6.37
C LYS B 191 5.16 14.17 -4.84
N THR B 192 5.81 13.14 -4.26
CA THR B 192 6.02 13.08 -2.81
C THR B 192 7.26 13.88 -2.40
N LEU B 193 7.03 14.95 -1.65
CA LEU B 193 8.05 15.82 -1.10
C LEU B 193 8.82 15.06 -0.01
N ALA B 194 10.15 14.91 -0.19
CA ALA B 194 10.99 14.20 0.78
C ALA B 194 11.10 14.97 2.13
N ASP B 195 11.35 14.25 3.25
CA ASP B 195 11.45 14.83 4.59
C ASP B 195 12.53 15.91 4.67
N GLY B 196 12.18 17.06 5.27
CA GLY B 196 13.08 18.19 5.47
C GLY B 196 13.21 19.14 4.31
N VAL B 197 12.62 18.82 3.15
CA VAL B 197 12.66 19.62 1.93
C VAL B 197 11.59 20.74 2.00
N PRO B 198 11.95 22.03 1.71
CA PRO B 198 10.93 23.11 1.73
C PRO B 198 9.72 22.87 0.81
N SER B 199 8.59 23.49 1.13
CA SER B 199 7.35 23.40 0.35
C SER B 199 7.46 24.09 -1.01
N ARG B 200 8.53 24.89 -1.24
CA ARG B 200 8.84 25.59 -2.51
C ARG B 200 8.91 24.59 -3.65
N PHE B 201 9.44 23.38 -3.36
CA PHE B 201 9.60 22.34 -4.35
C PHE B 201 8.32 21.53 -4.49
N SER B 202 7.92 21.29 -5.73
CA SER B 202 6.75 20.47 -6.03
C SER B 202 7.00 19.70 -7.30
N GLY B 203 6.65 18.44 -7.29
CA GLY B 203 6.79 17.56 -8.44
C GLY B 203 5.40 17.21 -8.97
N SER B 204 5.28 17.05 -10.28
CA SER B 204 4.02 16.67 -10.92
C SER B 204 4.30 15.91 -12.18
N GLY B 205 3.26 15.36 -12.77
CA GLY B 205 3.33 14.61 -14.01
C GLY B 205 2.90 13.18 -13.83
N SER B 206 2.83 12.46 -14.95
CA SER B 206 2.43 11.04 -15.05
C SER B 206 2.89 10.50 -16.42
N GLY B 207 2.87 9.18 -16.56
CA GLY B 207 3.27 8.48 -17.77
C GLY B 207 4.72 8.65 -18.11
N THR B 208 4.99 9.53 -19.09
CA THR B 208 6.34 9.81 -19.61
C THR B 208 6.78 11.26 -19.37
N GLN B 209 5.86 12.15 -18.93
CA GLN B 209 6.11 13.58 -18.76
C GLN B 209 6.03 14.02 -17.30
N TYR B 210 7.11 14.60 -16.78
CA TYR B 210 7.22 15.01 -15.38
C TYR B 210 7.81 16.41 -15.23
N SER B 211 7.49 17.10 -14.12
CA SER B 211 7.99 18.45 -13.89
C SER B 211 8.42 18.67 -12.46
N LEU B 212 9.41 19.54 -12.28
CA LEU B 212 9.88 19.98 -10.98
C LEU B 212 9.72 21.49 -11.02
N LYS B 213 8.94 22.00 -10.09
CA LYS B 213 8.67 23.42 -9.98
C LYS B 213 9.30 23.93 -8.69
N ILE B 214 10.05 25.03 -8.80
CA ILE B 214 10.66 25.69 -7.63
C ILE B 214 10.01 27.06 -7.50
N ASN B 215 9.04 27.21 -6.61
CA ASN B 215 8.38 28.50 -6.36
C ASN B 215 9.29 29.35 -5.46
N SER B 216 9.27 30.68 -5.62
CA SER B 216 10.03 31.64 -4.81
C SER B 216 11.51 31.24 -4.60
N LEU B 217 12.31 31.27 -5.68
CA LEU B 217 13.73 30.93 -5.66
C LEU B 217 14.51 31.58 -4.53
N GLN B 218 15.34 30.79 -3.86
CA GLN B 218 16.17 31.21 -2.74
C GLN B 218 17.65 31.13 -3.14
N PRO B 219 18.56 31.88 -2.47
CA PRO B 219 19.99 31.81 -2.83
C PRO B 219 20.60 30.40 -2.77
N GLU B 220 20.16 29.57 -1.81
CA GLU B 220 20.60 28.18 -1.62
C GLU B 220 20.08 27.20 -2.71
N ASP B 221 19.22 27.67 -3.63
CA ASP B 221 18.66 26.80 -4.66
C ASP B 221 19.57 26.59 -5.89
N PHE B 222 20.73 27.29 -5.99
CA PHE B 222 21.65 27.06 -7.11
C PHE B 222 22.23 25.62 -7.02
N GLY B 223 22.59 25.08 -8.17
CA GLY B 223 23.16 23.74 -8.23
C GLY B 223 22.61 22.99 -9.41
N SER B 224 22.96 21.70 -9.50
CA SER B 224 22.47 20.86 -10.56
C SER B 224 21.27 20.06 -10.11
N TYR B 225 20.33 19.86 -11.01
CA TYR B 225 19.10 19.14 -10.72
C TYR B 225 19.01 17.96 -11.64
N TYR B 226 18.70 16.81 -11.09
CA TYR B 226 18.59 15.58 -11.88
C TYR B 226 17.29 14.86 -11.63
N CYS B 227 16.77 14.21 -12.65
CA CYS B 227 15.63 13.33 -12.48
C CYS B 227 16.13 11.88 -12.56
N GLN B 228 15.38 10.92 -12.05
CA GLN B 228 15.80 9.52 -12.06
C GLN B 228 14.60 8.61 -12.16
N GLN B 229 14.64 7.61 -13.04
CA GLN B 229 13.57 6.63 -13.12
C GLN B 229 14.00 5.38 -12.40
N PHE B 230 13.09 4.76 -11.67
CA PHE B 230 13.39 3.52 -10.94
C PHE B 230 12.32 2.46 -11.25
N TRP B 231 11.63 2.63 -12.38
CA TRP B 231 10.62 1.69 -12.83
C TRP B 231 11.25 0.46 -13.45
N SER B 232 12.23 0.65 -14.32
CA SER B 232 12.86 -0.45 -15.05
C SER B 232 14.40 -0.45 -14.95
N THR B 233 15.01 -1.65 -14.83
CA THR B 233 16.48 -1.78 -14.79
C THR B 233 17.02 -1.82 -16.23
N PRO B 234 18.12 -1.10 -16.53
CA PRO B 234 18.94 -0.28 -15.61
C PRO B 234 18.30 1.07 -15.28
N TYR B 235 18.39 1.49 -14.00
CA TYR B 235 17.90 2.79 -13.54
C TYR B 235 18.71 3.87 -14.25
N THR B 236 18.06 4.97 -14.59
CA THR B 236 18.69 6.04 -15.37
C THR B 236 18.34 7.41 -14.86
N PHE B 237 19.22 8.38 -15.12
CA PHE B 237 19.10 9.77 -14.74
C PHE B 237 19.04 10.63 -15.99
N GLY B 238 18.45 11.81 -15.85
CA GLY B 238 18.44 12.81 -16.91
C GLY B 238 19.82 13.44 -16.90
N GLY B 239 20.17 14.18 -17.96
CA GLY B 239 21.47 14.83 -18.11
C GLY B 239 21.76 15.94 -17.12
N GLY B 240 20.70 16.43 -16.49
CA GLY B 240 20.82 17.49 -15.49
C GLY B 240 20.46 18.87 -15.99
N THR B 241 20.12 19.73 -15.05
CA THR B 241 19.83 21.13 -15.29
C THR B 241 20.66 21.90 -14.30
N LYS B 242 21.52 22.78 -14.78
CA LYS B 242 22.33 23.63 -13.91
C LYS B 242 21.57 24.89 -13.70
N LEU B 243 21.28 25.18 -12.46
CA LEU B 243 20.54 26.40 -12.15
C LEU B 243 21.44 27.39 -11.47
N GLU B 244 21.44 28.62 -11.97
CA GLU B 244 22.22 29.72 -11.40
C GLU B 244 21.29 30.79 -10.94
N ILE B 245 21.63 31.39 -9.80
CA ILE B 245 20.80 32.42 -9.18
C ILE B 245 21.47 33.74 -9.32
N ASN B 246 20.75 34.73 -9.84
CA ASN B 246 21.25 36.10 -9.99
C ASN B 246 20.96 36.95 -8.75
#